data_7LL7
#
_entry.id   7LL7
#
loop_
_entity.id
_entity.type
_entity.pdbx_description
1 polymer GLY-GLY-ALA-GLY-HIS-VAL-PRO-GLU-TYR-PHE
2 polymer VAL-CYS-ILE-GLY-THR-PRO-ILE-SER-PHE-TYR-CYS
#
loop_
_entity_poly.entity_id
_entity_poly.type
_entity_poly.pdbx_seq_one_letter_code
_entity_poly.pdbx_strand_id
1 'polypeptide(L)' GGAGHVPEYF A
2 'polypeptide(L)' VCIGTPISFYC B
#
# COMPACT_ATOMS: atom_id res chain seq x y z
N GLY A 1 1.13 -2.28 -0.06
CA GLY A 1 2.01 -2.09 1.09
C GLY A 1 2.51 -0.67 1.23
N GLY A 2 2.49 0.12 0.13
CA GLY A 2 2.97 1.48 0.04
C GLY A 2 1.91 2.52 0.31
N ALA A 3 1.64 3.36 -0.71
CA ALA A 3 0.88 4.58 -0.48
C ALA A 3 0.36 5.28 -1.72
N GLY A 4 0.53 4.68 -2.91
CA GLY A 4 0.16 5.24 -4.20
C GLY A 4 -1.24 4.89 -4.65
N HIS A 5 -1.34 4.05 -5.68
CA HIS A 5 -2.59 3.51 -6.18
C HIS A 5 -2.33 2.09 -6.66
N VAL A 6 -3.41 1.33 -6.97
CA VAL A 6 -3.43 -0.09 -7.26
C VAL A 6 -3.43 -0.87 -5.95
N PRO A 7 -4.51 -1.52 -5.52
CA PRO A 7 -4.51 -2.35 -4.31
C PRO A 7 -3.44 -3.46 -4.25
N GLU A 8 -2.68 -3.64 -3.17
CA GLU A 8 -1.82 -4.82 -3.05
C GLU A 8 -2.57 -6.12 -2.96
N TYR A 9 -3.67 -6.14 -2.19
CA TYR A 9 -4.54 -7.31 -2.03
C TYR A 9 -5.92 -6.90 -2.52
N PHE A 10 -6.86 -7.85 -2.49
CA PHE A 10 -8.28 -7.51 -2.57
C PHE A 10 -8.83 -7.41 -1.11
N VAL B 1 8.30 7.34 2.24
CA VAL B 1 8.40 5.91 2.57
C VAL B 1 7.22 5.08 2.00
N CYS B 2 7.23 3.74 2.19
CA CYS B 2 6.15 2.83 1.77
C CYS B 2 5.87 1.80 2.88
N ILE B 3 5.51 2.32 4.06
CA ILE B 3 5.15 1.56 5.25
C ILE B 3 4.16 2.40 6.07
N GLY B 4 3.51 1.76 7.05
CA GLY B 4 2.70 2.48 8.01
C GLY B 4 1.46 1.75 8.36
N THR B 5 0.74 1.17 7.38
CA THR B 5 -0.43 0.33 7.60
C THR B 5 -0.15 -1.09 7.10
N PRO B 6 -0.66 -2.18 7.66
CA PRO B 6 -0.34 -3.53 7.18
C PRO B 6 -1.16 -3.92 5.95
N ILE B 7 -2.20 -3.15 5.58
CA ILE B 7 -2.86 -3.20 4.28
C ILE B 7 -2.76 -1.82 3.61
N SER B 8 -2.43 -1.82 2.31
CA SER B 8 -2.36 -0.59 1.54
C SER B 8 -2.31 -0.82 0.02
N PHE B 9 -2.16 0.31 -0.71
CA PHE B 9 -1.97 0.37 -2.14
C PHE B 9 -0.52 0.08 -2.46
N TYR B 10 -0.18 -0.10 -3.76
CA TYR B 10 1.19 -0.15 -4.25
C TYR B 10 2.12 1.02 -3.87
N CYS B 11 3.42 0.77 -4.07
CA CYS B 11 4.50 1.72 -3.82
C CYS B 11 5.00 2.34 -5.15
N GLY A 1 1.03 0.15 0.39
CA GLY A 1 1.97 1.27 0.39
C GLY A 1 1.33 2.47 1.07
N GLY A 2 1.40 3.62 0.45
CA GLY A 2 0.65 4.80 0.87
C GLY A 2 -0.35 5.26 -0.20
N ALA A 3 0.04 6.29 -0.96
CA ALA A 3 -0.79 6.94 -1.96
C ALA A 3 -0.31 6.51 -3.34
N GLY A 4 -1.24 5.99 -4.14
CA GLY A 4 -0.96 5.38 -5.43
C GLY A 4 -2.26 5.16 -6.19
N HIS A 5 -2.36 4.07 -6.99
CA HIS A 5 -3.47 3.86 -7.93
C HIS A 5 -3.80 2.39 -8.18
N VAL A 6 -2.95 1.44 -7.71
CA VAL A 6 -3.26 0.01 -7.65
C VAL A 6 -3.33 -0.32 -6.17
N PRO A 7 -4.25 -1.08 -5.56
CA PRO A 7 -4.25 -1.47 -4.16
C PRO A 7 -3.03 -2.34 -3.86
N GLU A 8 -2.63 -2.45 -2.60
CA GLU A 8 -1.50 -3.27 -2.23
C GLU A 8 -1.87 -4.26 -1.15
N TYR A 9 -0.89 -5.07 -0.70
CA TYR A 9 -1.04 -6.03 0.33
C TYR A 9 0.01 -5.74 1.39
N PHE A 10 -0.23 -6.26 2.59
CA PHE A 10 0.56 -5.91 3.76
C PHE A 10 1.78 -6.79 4.03
N VAL B 1 4.33 -2.84 -1.65
CA VAL B 1 4.63 -3.19 -0.21
C VAL B 1 5.81 -2.43 0.33
N CYS B 2 5.70 -1.77 1.48
CA CYS B 2 6.82 -0.97 1.98
C CYS B 2 6.60 -0.56 3.45
N ILE B 3 5.52 -1.09 4.05
CA ILE B 3 4.92 -0.69 5.32
C ILE B 3 4.13 -1.84 5.85
N GLY B 4 3.57 -1.73 7.08
CA GLY B 4 2.51 -2.58 7.61
C GLY B 4 1.24 -1.85 7.87
N THR B 5 0.32 -1.78 6.86
CA THR B 5 -1.00 -1.17 6.98
C THR B 5 -1.96 -2.04 6.16
N PRO B 6 -3.24 -2.26 6.43
CA PRO B 6 -3.99 -3.40 5.91
C PRO B 6 -4.54 -3.06 4.51
N ILE B 7 -5.03 -1.82 4.34
CA ILE B 7 -5.47 -1.31 3.05
C ILE B 7 -4.77 0.02 2.79
N SER B 8 -4.10 0.12 1.64
CA SER B 8 -3.47 1.31 1.16
C SER B 8 -3.27 1.08 -0.35
N PHE B 9 -2.85 2.10 -1.11
CA PHE B 9 -2.46 1.90 -2.50
C PHE B 9 -0.95 1.59 -2.62
N TYR B 10 -0.47 1.07 -3.77
CA TYR B 10 0.94 0.71 -3.99
C TYR B 10 1.94 1.86 -3.81
N CYS B 11 3.22 1.56 -3.38
CA CYS B 11 4.29 2.50 -3.14
C CYS B 11 4.91 3.00 -4.48
N GLY A 1 2.95 -2.78 -0.82
CA GLY A 1 3.96 -2.71 0.24
C GLY A 1 4.25 -1.30 0.61
N GLY A 2 3.20 -0.42 0.55
CA GLY A 2 3.33 0.98 0.86
C GLY A 2 1.97 1.59 0.92
N ALA A 3 1.87 2.89 0.60
CA ALA A 3 0.63 3.61 0.51
C ALA A 3 0.39 4.20 -0.90
N GLY A 4 -0.87 4.23 -1.40
CA GLY A 4 -1.18 4.67 -2.75
C GLY A 4 -2.58 4.23 -3.08
N HIS A 5 -2.97 4.25 -4.37
CA HIS A 5 -4.39 4.05 -4.68
C HIS A 5 -4.73 2.58 -5.13
N VAL A 6 -3.73 1.73 -5.36
CA VAL A 6 -3.87 0.39 -5.87
C VAL A 6 -3.37 -0.65 -4.88
N PRO A 7 -4.10 -1.66 -4.42
CA PRO A 7 -3.67 -2.59 -3.40
C PRO A 7 -2.66 -3.58 -3.96
N GLU A 8 -1.67 -4.02 -3.12
CA GLU A 8 -0.65 -4.99 -3.47
C GLU A 8 -1.13 -6.40 -3.80
N TYR A 9 -2.05 -6.96 -2.99
CA TYR A 9 -2.57 -8.31 -3.20
C TYR A 9 -3.81 -8.55 -2.37
N PHE A 10 -4.70 -7.57 -2.30
CA PHE A 10 -6.01 -7.63 -1.70
C PHE A 10 -7.06 -7.28 -2.73
N VAL B 1 7.96 -0.69 1.49
CA VAL B 1 8.24 0.67 0.93
C VAL B 1 7.66 1.72 1.88
N CYS B 2 6.84 2.69 1.40
CA CYS B 2 6.26 3.76 2.19
C CYS B 2 5.03 3.33 3.02
N ILE B 3 5.23 2.51 4.03
CA ILE B 3 4.19 1.95 4.89
C ILE B 3 3.59 3.07 5.77
N GLY B 4 2.34 3.45 5.46
CA GLY B 4 1.66 4.47 6.23
C GLY B 4 0.13 4.27 6.27
N THR B 5 -0.28 2.98 5.97
CA THR B 5 -1.68 2.64 5.66
C THR B 5 -1.94 1.25 6.21
N PRO B 6 -3.14 0.91 6.72
CA PRO B 6 -3.39 -0.38 7.38
C PRO B 6 -3.58 -1.46 6.34
N ILE B 7 -3.71 -1.08 5.07
CA ILE B 7 -3.85 -1.95 3.92
C ILE B 7 -2.65 -1.67 3.10
N SER B 8 -2.01 -2.73 2.57
CA SER B 8 -0.81 -2.65 1.74
C SER B 8 -1.10 -2.22 0.27
N PHE B 9 -0.71 -1.00 -0.16
CA PHE B 9 -0.88 -0.46 -1.47
C PHE B 9 0.45 -0.33 -2.22
N TYR B 10 0.41 -0.14 -3.56
CA TYR B 10 1.61 0.28 -4.28
C TYR B 10 2.11 1.68 -3.88
N CYS B 11 3.44 1.83 -3.78
CA CYS B 11 4.08 3.11 -3.52
C CYS B 11 4.54 3.81 -4.81
N GLY A 1 1.53 -2.48 0.78
CA GLY A 1 1.98 -1.63 1.87
C GLY A 1 2.48 -0.36 1.25
N GLY A 2 2.04 0.83 1.69
CA GLY A 2 2.36 2.09 1.04
C GLY A 2 1.17 3.00 0.95
N ALA A 3 1.14 3.86 -0.08
CA ALA A 3 0.18 4.93 -0.21
C ALA A 3 0.13 5.39 -1.65
N GLY A 4 0.74 4.63 -2.62
CA GLY A 4 0.90 5.07 -4.00
C GLY A 4 -0.27 4.76 -4.96
N HIS A 5 -0.26 3.59 -5.57
CA HIS A 5 -1.30 3.22 -6.48
C HIS A 5 -1.47 1.69 -6.54
N VAL A 6 -2.69 1.20 -6.87
CA VAL A 6 -2.98 -0.25 -6.95
C VAL A 6 -3.07 -0.91 -5.57
N PRO A 7 -4.21 -1.49 -5.12
CA PRO A 7 -4.29 -2.29 -3.88
C PRO A 7 -3.21 -3.37 -3.76
N GLU A 8 -2.56 -3.51 -2.59
CA GLU A 8 -1.66 -4.60 -2.29
C GLU A 8 -2.28 -5.97 -2.44
N TYR A 9 -3.44 -6.13 -1.85
CA TYR A 9 -4.38 -7.21 -2.05
C TYR A 9 -5.73 -6.59 -1.71
N PHE A 10 -6.78 -7.12 -2.36
CA PHE A 10 -8.18 -6.86 -2.03
C PHE A 10 -8.89 -8.04 -2.57
N VAL B 1 7.18 7.11 -0.32
CA VAL B 1 6.91 5.71 -0.79
C VAL B 1 6.28 4.79 0.21
N CYS B 2 6.99 3.75 0.73
CA CYS B 2 6.37 2.76 1.62
C CYS B 2 6.48 3.24 3.07
N ILE B 3 5.54 2.66 3.86
CA ILE B 3 5.44 2.84 5.29
C ILE B 3 4.67 1.62 5.80
N GLY B 4 4.75 1.40 7.13
CA GLY B 4 3.98 0.34 7.79
C GLY B 4 2.50 0.72 7.91
N THR B 5 1.61 -0.16 7.38
CA THR B 5 0.19 0.12 7.53
C THR B 5 -0.47 -1.20 7.16
N PRO B 6 -1.62 -1.72 7.51
CA PRO B 6 -1.89 -3.14 7.41
C PRO B 6 -2.21 -3.54 5.96
N ILE B 7 -3.12 -2.83 5.28
CA ILE B 7 -3.42 -3.00 3.86
C ILE B 7 -3.68 -1.60 3.28
N SER B 8 -3.39 -1.42 2.00
CA SER B 8 -3.39 -0.09 1.37
C SER B 8 -3.08 -0.32 -0.07
N PHE B 9 -2.71 0.75 -0.82
CA PHE B 9 -2.06 0.67 -2.12
C PHE B 9 -0.60 0.29 -2.02
N TYR B 10 -0.01 -0.23 -3.07
CA TYR B 10 1.45 -0.38 -3.20
C TYR B 10 2.16 1.00 -3.18
N CYS B 11 3.49 0.92 -2.85
CA CYS B 11 4.38 2.04 -3.24
C CYS B 11 5.22 1.68 -4.51
N GLY A 1 0.63 -1.66 1.31
CA GLY A 1 1.72 -1.20 2.17
C GLY A 1 2.42 -0.06 1.51
N GLY A 2 1.91 1.19 1.73
CA GLY A 2 2.38 2.38 1.03
C GLY A 2 1.25 3.21 0.50
N ALA A 3 1.49 3.98 -0.57
CA ALA A 3 0.45 4.81 -1.20
C ALA A 3 0.73 4.73 -2.69
N GLY A 4 -0.31 4.67 -3.53
CA GLY A 4 -0.14 4.50 -4.95
C GLY A 4 -1.42 4.36 -5.70
N HIS A 5 -1.60 3.28 -6.51
CA HIS A 5 -2.72 3.11 -7.39
C HIS A 5 -3.20 1.66 -7.47
N VAL A 6 -2.40 0.69 -6.99
CA VAL A 6 -2.89 -0.69 -6.85
C VAL A 6 -3.21 -0.91 -5.37
N PRO A 7 -4.37 -1.40 -4.91
CA PRO A 7 -4.69 -1.49 -3.49
C PRO A 7 -3.96 -2.62 -2.78
N GLU A 8 -3.58 -2.47 -1.48
CA GLU A 8 -2.91 -3.58 -0.77
C GLU A 8 -3.99 -4.53 -0.24
N TYR A 9 -4.53 -5.34 -1.18
CA TYR A 9 -5.40 -6.46 -0.93
C TYR A 9 -5.27 -7.24 -2.20
N PHE A 10 -5.77 -8.48 -2.23
CA PHE A 10 -5.71 -9.35 -3.37
C PHE A 10 -7.12 -9.90 -3.74
N VAL B 1 9.04 6.47 -0.06
CA VAL B 1 9.30 5.78 1.27
C VAL B 1 8.01 5.23 1.86
N CYS B 2 8.08 4.22 2.72
CA CYS B 2 6.89 3.46 3.11
C CYS B 2 7.28 2.33 4.03
N ILE B 3 6.61 2.29 5.20
CA ILE B 3 6.84 1.25 6.20
C ILE B 3 5.44 0.96 6.77
N GLY B 4 5.04 -0.31 6.99
CA GLY B 4 3.70 -0.58 7.53
C GLY B 4 2.61 -0.16 6.62
N THR B 5 1.60 0.49 7.20
CA THR B 5 0.37 1.01 6.54
C THR B 5 -0.32 -0.03 5.61
N PRO B 6 -0.62 -1.24 6.08
CA PRO B 6 -0.50 -2.46 5.27
C PRO B 6 -1.77 -2.70 4.47
N ILE B 7 -2.83 -1.92 4.82
CA ILE B 7 -4.19 -2.07 4.37
C ILE B 7 -4.51 -1.10 3.24
N SER B 8 -3.55 -0.18 2.96
CA SER B 8 -3.67 0.94 2.06
C SER B 8 -3.45 0.56 0.61
N PHE B 9 -2.34 1.00 -0.05
CA PHE B 9 -2.11 0.80 -1.48
C PHE B 9 -0.68 0.31 -1.59
N TYR B 10 -0.25 -0.33 -2.70
CA TYR B 10 1.14 -0.72 -2.92
C TYR B 10 2.02 0.50 -3.13
N CYS B 11 3.24 0.43 -2.63
CA CYS B 11 4.24 1.49 -2.75
C CYS B 11 4.94 1.39 -4.13
N GLY A 1 0.46 -1.53 0.21
CA GLY A 1 0.99 -0.82 1.36
C GLY A 1 1.66 0.44 0.90
N GLY A 2 1.10 1.62 1.24
CA GLY A 2 1.75 2.89 0.82
C GLY A 2 0.76 4.02 0.69
N ALA A 3 0.41 4.39 -0.55
CA ALA A 3 -0.18 5.71 -0.85
C ALA A 3 -1.43 5.56 -1.76
N GLY A 4 -1.28 5.60 -3.08
CA GLY A 4 -2.44 5.82 -3.94
C GLY A 4 -2.27 5.42 -5.39
N HIS A 5 -1.46 4.40 -5.68
CA HIS A 5 -1.22 4.01 -7.05
C HIS A 5 -1.01 2.49 -7.08
N VAL A 6 -1.88 1.71 -7.79
CA VAL A 6 -1.86 0.23 -7.83
C VAL A 6 -2.42 -0.43 -6.53
N PRO A 7 -3.46 -1.28 -6.51
CA PRO A 7 -3.93 -1.94 -5.28
C PRO A 7 -2.98 -2.95 -4.63
N GLU A 8 -3.19 -3.24 -3.32
CA GLU A 8 -2.38 -4.22 -2.60
C GLU A 8 -2.99 -5.58 -2.44
N TYR A 9 -2.19 -6.56 -1.99
CA TYR A 9 -2.50 -7.97 -2.08
C TYR A 9 -2.39 -8.72 -0.74
N PHE A 10 -2.68 -8.06 0.41
CA PHE A 10 -2.63 -8.68 1.74
C PHE A 10 -4.07 -8.96 2.25
N VAL B 1 11.02 -2.04 0.93
CA VAL B 1 9.62 -2.16 1.42
C VAL B 1 8.90 -0.82 1.49
N CYS B 2 7.56 -0.82 1.68
CA CYS B 2 6.82 0.38 1.97
C CYS B 2 6.09 0.21 3.26
N ILE B 3 5.93 1.31 4.02
CA ILE B 3 5.35 1.31 5.38
C ILE B 3 4.18 2.27 5.41
N GLY B 4 3.26 2.09 6.39
CA GLY B 4 2.03 2.83 6.55
C GLY B 4 1.02 1.84 7.05
N THR B 5 -0.19 1.80 6.46
CA THR B 5 -1.15 0.74 6.76
C THR B 5 -0.80 -0.52 5.98
N PRO B 6 -1.25 -1.72 6.40
CA PRO B 6 -0.95 -2.98 5.68
C PRO B 6 -1.96 -3.22 4.56
N ILE B 7 -3.07 -2.47 4.55
CA ILE B 7 -4.03 -2.48 3.49
C ILE B 7 -4.28 -1.05 3.08
N SER B 8 -4.11 -0.72 1.79
CA SER B 8 -4.26 0.62 1.24
C SER B 8 -4.12 0.41 -0.23
N PHE B 9 -3.51 1.37 -0.92
CA PHE B 9 -3.00 1.23 -2.25
C PHE B 9 -1.47 1.31 -2.17
N TYR B 10 -0.74 0.85 -3.18
CA TYR B 10 0.72 0.91 -3.17
C TYR B 10 1.27 2.31 -3.25
N CYS B 11 2.54 2.45 -2.76
CA CYS B 11 3.38 3.65 -2.71
C CYS B 11 3.72 4.21 -4.10
N GLY A 1 1.30 -0.22 1.00
CA GLY A 1 2.55 0.48 1.37
C GLY A 1 2.38 1.97 1.51
N GLY A 2 1.64 2.65 0.60
CA GLY A 2 1.35 4.10 0.74
C GLY A 2 0.10 4.44 -0.05
N ALA A 3 0.24 5.20 -1.17
CA ALA A 3 -0.88 5.57 -2.01
C ALA A 3 -0.54 5.39 -3.48
N GLY A 4 -1.55 5.33 -4.40
CA GLY A 4 -1.40 4.89 -5.78
C GLY A 4 -2.74 4.46 -6.27
N HIS A 5 -2.84 4.02 -7.53
CA HIS A 5 -4.11 3.55 -8.05
C HIS A 5 -4.33 2.08 -7.80
N VAL A 6 -3.22 1.30 -7.62
CA VAL A 6 -3.25 -0.19 -7.47
C VAL A 6 -3.26 -0.51 -5.97
N PRO A 7 -4.08 -1.39 -5.41
CA PRO A 7 -4.04 -1.67 -3.98
C PRO A 7 -2.91 -2.62 -3.62
N GLU A 8 -2.29 -2.43 -2.42
CA GLU A 8 -1.36 -3.39 -1.84
C GLU A 8 -2.00 -4.25 -0.78
N TYR A 9 -3.36 -4.43 -0.88
CA TYR A 9 -4.06 -5.41 -0.10
C TYR A 9 -3.75 -6.83 -0.67
N PHE A 10 -3.99 -7.90 0.09
CA PHE A 10 -3.75 -9.26 -0.26
C PHE A 10 -4.93 -9.90 -1.05
N VAL B 1 11.36 1.26 2.93
CA VAL B 1 10.74 2.55 2.40
C VAL B 1 9.27 2.64 2.70
N CYS B 2 8.41 1.85 2.04
CA CYS B 2 7.01 1.71 2.43
C CYS B 2 6.85 1.08 3.79
N ILE B 3 5.83 1.49 4.59
CA ILE B 3 5.68 1.11 6.00
C ILE B 3 4.42 0.30 6.17
N GLY B 4 4.52 -0.87 6.84
CA GLY B 4 3.45 -1.90 6.92
C GLY B 4 2.18 -1.41 7.52
N THR B 5 1.17 -1.19 6.66
CA THR B 5 -0.05 -0.51 7.01
C THR B 5 -1.19 -1.33 6.36
N PRO B 6 -2.16 -1.92 7.04
CA PRO B 6 -2.79 -3.19 6.60
C PRO B 6 -3.59 -3.09 5.31
N ILE B 7 -4.18 -1.93 5.04
CA ILE B 7 -4.81 -1.55 3.80
C ILE B 7 -4.30 -0.21 3.43
N SER B 8 -3.62 -0.16 2.25
CA SER B 8 -3.02 1.02 1.68
C SER B 8 -2.82 0.68 0.24
N PHE B 9 -2.30 1.58 -0.60
CA PHE B 9 -2.15 1.34 -2.04
C PHE B 9 -0.66 1.13 -2.35
N TYR B 10 -0.39 0.52 -3.52
CA TYR B 10 0.92 -0.02 -3.95
C TYR B 10 1.97 1.05 -4.08
N CYS B 11 3.24 0.67 -3.76
CA CYS B 11 4.38 1.58 -3.78
C CYS B 11 4.91 1.99 -5.15
N GLY A 1 1.06 -0.63 0.38
CA GLY A 1 2.02 0.03 1.26
C GLY A 1 1.61 1.35 1.78
N GLY A 2 0.99 2.23 0.97
CA GLY A 2 0.49 3.52 1.47
C GLY A 2 0.63 4.66 0.51
N ALA A 3 0.15 4.55 -0.74
CA ALA A 3 0.16 5.70 -1.65
C ALA A 3 -1.10 5.78 -2.49
N GLY A 4 -1.19 5.07 -3.61
CA GLY A 4 -2.32 5.28 -4.48
C GLY A 4 -2.49 4.40 -5.66
N HIS A 5 -1.52 3.60 -6.08
CA HIS A 5 -1.62 2.88 -7.35
C HIS A 5 -1.47 1.38 -7.13
N VAL A 6 -2.45 0.57 -7.52
CA VAL A 6 -2.45 -0.93 -7.46
C VAL A 6 -2.56 -1.51 -6.03
N PRO A 7 -3.54 -2.35 -5.62
CA PRO A 7 -3.69 -2.70 -4.21
C PRO A 7 -2.65 -3.70 -3.72
N GLU A 8 -2.09 -3.43 -2.52
CA GLU A 8 -1.21 -4.34 -1.84
C GLU A 8 -1.85 -5.61 -1.33
N TYR A 9 -3.08 -5.50 -0.76
CA TYR A 9 -3.73 -6.56 -0.07
C TYR A 9 -5.20 -6.18 0.02
N PHE A 10 -6.07 -7.16 0.31
CA PHE A 10 -7.49 -6.97 0.49
C PHE A 10 -7.89 -7.92 1.65
N VAL B 1 10.90 4.68 3.62
CA VAL B 1 9.85 4.84 2.60
C VAL B 1 8.55 4.27 3.19
N CYS B 2 7.76 3.48 2.44
CA CYS B 2 6.54 2.89 2.96
C CYS B 2 6.80 1.45 3.36
N ILE B 3 6.48 1.13 4.62
CA ILE B 3 6.66 -0.21 5.18
C ILE B 3 5.36 -0.69 5.81
N GLY B 4 5.01 -1.99 5.67
CA GLY B 4 3.80 -2.58 6.22
C GLY B 4 2.55 -1.91 5.77
N THR B 5 1.57 -1.71 6.70
CA THR B 5 0.30 -0.99 6.53
C THR B 5 -0.46 -1.46 5.31
N PRO B 6 -0.75 -2.78 5.15
CA PRO B 6 -1.04 -3.33 3.82
C PRO B 6 -2.43 -3.03 3.29
N ILE B 7 -3.30 -2.47 4.15
CA ILE B 7 -4.67 -2.10 3.76
C ILE B 7 -4.66 -0.80 2.95
N SER B 8 -3.91 -0.80 1.82
CA SER B 8 -3.67 0.39 1.01
C SER B 8 -3.14 -0.06 -0.35
N PHE B 9 -2.89 0.93 -1.21
CA PHE B 9 -2.40 0.71 -2.55
C PHE B 9 -0.89 0.96 -2.52
N TYR B 10 -0.21 0.36 -3.49
CA TYR B 10 1.24 0.48 -3.67
C TYR B 10 1.76 1.90 -3.86
N CYS B 11 3.07 2.00 -3.50
CA CYS B 11 3.93 3.13 -3.57
C CYS B 11 4.85 3.09 -4.83
N GLY A 1 0.70 -1.50 1.30
CA GLY A 1 1.75 -1.27 2.32
C GLY A 1 2.68 -0.21 1.73
N GLY A 2 2.19 1.00 1.59
CA GLY A 2 2.89 2.06 0.87
C GLY A 2 1.93 3.18 0.66
N ALA A 3 1.93 3.85 -0.51
CA ALA A 3 0.89 4.74 -0.94
C ALA A 3 0.99 4.83 -2.44
N GLY A 4 -0.15 4.99 -3.16
CA GLY A 4 -0.13 4.81 -4.61
C GLY A 4 -1.48 4.69 -5.19
N HIS A 5 -1.71 3.65 -6.01
CA HIS A 5 -3.01 3.37 -6.63
C HIS A 5 -3.38 1.89 -6.72
N VAL A 6 -2.43 0.93 -6.68
CA VAL A 6 -2.75 -0.50 -6.66
C VAL A 6 -3.09 -1.01 -5.28
N PRO A 7 -4.24 -1.63 -4.88
CA PRO A 7 -4.52 -1.97 -3.47
C PRO A 7 -3.73 -3.15 -2.92
N GLU A 8 -3.30 -3.07 -1.64
CA GLU A 8 -2.80 -4.20 -0.85
C GLU A 8 -3.92 -5.14 -0.49
N TYR A 9 -4.41 -5.88 -1.49
CA TYR A 9 -5.60 -6.69 -1.40
C TYR A 9 -5.66 -7.68 -2.54
N PHE A 10 -4.67 -7.66 -3.44
CA PHE A 10 -4.60 -8.47 -4.63
C PHE A 10 -3.96 -9.87 -4.38
N VAL B 1 9.19 4.93 1.69
CA VAL B 1 8.05 4.46 0.85
C VAL B 1 7.25 3.28 1.35
N CYS B 2 7.88 2.11 1.66
CA CYS B 2 7.14 0.85 1.82
C CYS B 2 6.93 0.44 3.30
N ILE B 3 6.80 1.46 4.18
CA ILE B 3 6.27 1.32 5.54
C ILE B 3 5.09 2.27 5.63
N GLY B 4 3.98 1.83 6.23
CA GLY B 4 2.75 2.60 6.25
C GLY B 4 1.67 1.73 6.81
N THR B 5 0.43 2.20 6.67
CA THR B 5 -0.79 1.53 7.10
C THR B 5 -1.00 0.13 6.49
N PRO B 6 -1.57 -0.86 7.21
CA PRO B 6 -1.47 -2.25 6.80
C PRO B 6 -2.45 -2.57 5.71
N ILE B 7 -3.52 -1.78 5.54
CA ILE B 7 -4.36 -1.85 4.37
C ILE B 7 -4.21 -0.52 3.68
N SER B 8 -3.68 -0.51 2.46
CA SER B 8 -3.29 0.71 1.77
C SER B 8 -3.23 0.38 0.32
N PHE B 9 -3.08 1.38 -0.55
CA PHE B 9 -2.48 1.21 -1.85
C PHE B 9 -0.97 0.90 -1.73
N TYR B 10 -0.40 0.16 -2.69
CA TYR B 10 1.00 -0.21 -2.81
C TYR B 10 1.95 0.92 -3.18
N CYS B 11 3.27 0.71 -3.01
CA CYS B 11 4.35 1.60 -3.35
C CYS B 11 4.51 1.85 -4.87
N GLY A 1 0.84 0.52 1.28
CA GLY A 1 1.49 1.41 2.21
C GLY A 1 1.98 2.57 1.41
N GLY A 2 1.43 3.75 1.68
CA GLY A 2 1.48 4.93 0.81
C GLY A 2 0.12 5.16 0.16
N ALA A 3 0.13 5.76 -1.03
CA ALA A 3 -1.08 5.90 -1.83
C ALA A 3 -0.66 5.87 -3.29
N GLY A 4 -1.50 5.31 -4.15
CA GLY A 4 -1.18 4.96 -5.50
C GLY A 4 -2.36 4.22 -6.10
N HIS A 5 -2.16 3.34 -7.10
CA HIS A 5 -3.24 2.63 -7.82
C HIS A 5 -3.17 1.11 -7.71
N VAL A 6 -2.18 0.54 -7.06
CA VAL A 6 -2.04 -0.91 -6.90
C VAL A 6 -2.14 -1.26 -5.40
N PRO A 7 -2.97 -2.16 -4.96
CA PRO A 7 -3.09 -2.50 -3.55
C PRO A 7 -1.86 -3.21 -3.05
N GLU A 8 -1.42 -2.90 -1.80
CA GLU A 8 -0.24 -3.53 -1.21
C GLU A 8 -0.34 -5.05 -1.03
N TYR A 9 -1.54 -5.48 -0.58
CA TYR A 9 -1.90 -6.85 -0.29
C TYR A 9 -3.41 -6.89 -0.37
N PHE A 10 -3.99 -8.10 -0.32
CA PHE A 10 -5.40 -8.30 -0.57
C PHE A 10 -5.93 -9.43 0.36
N VAL B 1 11.50 1.42 -0.50
CA VAL B 1 10.87 0.80 0.70
C VAL B 1 9.69 1.61 1.29
N CYS B 2 8.58 0.90 1.57
CA CYS B 2 7.38 1.40 2.19
C CYS B 2 6.77 0.28 2.97
N ILE B 3 6.06 0.54 4.10
CA ILE B 3 5.30 -0.49 4.82
C ILE B 3 3.83 -0.12 4.86
N GLY B 4 2.95 -1.10 4.99
CA GLY B 4 1.50 -0.95 5.15
C GLY B 4 0.94 -2.11 5.88
N THR B 5 0.17 -1.83 6.94
CA THR B 5 -0.59 -2.83 7.70
C THR B 5 -2.05 -2.45 7.76
N PRO B 6 -2.54 -1.22 7.62
CA PRO B 6 -3.72 -0.87 6.87
C PRO B 6 -3.78 -1.45 5.46
N ILE B 7 -4.97 -1.72 4.91
CA ILE B 7 -5.09 -1.98 3.49
C ILE B 7 -5.15 -0.64 2.80
N SER B 8 -4.16 -0.40 1.92
CA SER B 8 -3.96 0.85 1.24
C SER B 8 -3.15 0.51 0.02
N PHE B 9 -2.93 1.45 -0.90
CA PHE B 9 -2.21 1.17 -2.16
C PHE B 9 -0.69 1.42 -2.00
N TYR B 10 0.12 0.92 -2.91
CA TYR B 10 1.57 1.07 -2.95
C TYR B 10 2.09 2.52 -3.16
N CYS B 11 3.31 2.81 -2.61
CA CYS B 11 4.08 4.02 -2.88
C CYS B 11 4.55 4.16 -4.34
N GLY A 1 1.71 -2.98 0.95
CA GLY A 1 2.54 -2.56 2.11
C GLY A 1 2.92 -1.12 2.16
N GLY A 2 2.59 -0.38 1.11
CA GLY A 2 2.73 1.03 0.97
C GLY A 2 1.39 1.68 0.86
N ALA A 3 1.37 2.90 0.33
CA ALA A 3 0.14 3.69 0.20
C ALA A 3 0.20 4.38 -1.16
N GLY A 4 -0.91 4.43 -1.95
CA GLY A 4 -0.83 4.85 -3.33
C GLY A 4 -2.16 4.78 -3.96
N HIS A 5 -2.60 3.57 -4.34
CA HIS A 5 -3.84 3.42 -5.07
C HIS A 5 -4.23 1.96 -5.20
N VAL A 6 -3.31 1.12 -5.67
CA VAL A 6 -3.66 -0.17 -6.16
C VAL A 6 -3.17 -1.22 -5.21
N PRO A 7 -3.92 -2.24 -4.75
CA PRO A 7 -3.52 -2.93 -3.57
C PRO A 7 -2.34 -3.92 -3.63
N GLU A 8 -1.64 -4.08 -2.47
CA GLU A 8 -0.78 -5.19 -2.12
C GLU A 8 -1.62 -6.40 -1.69
N TYR A 9 -2.84 -6.15 -1.16
CA TYR A 9 -3.99 -7.05 -1.28
C TYR A 9 -4.43 -7.40 -2.71
N PHE A 10 -5.01 -8.59 -2.90
CA PHE A 10 -5.46 -9.10 -4.20
C PHE A 10 -6.92 -8.65 -4.51
N VAL B 1 11.43 4.23 0.13
CA VAL B 1 10.83 3.86 1.44
C VAL B 1 9.46 3.25 1.26
N CYS B 2 8.64 3.02 2.30
CA CYS B 2 7.21 3.29 2.17
C CYS B 2 6.53 3.41 3.53
N ILE B 3 5.32 3.98 3.63
CA ILE B 3 4.39 3.85 4.74
C ILE B 3 3.10 3.20 4.23
N GLY B 4 2.50 2.27 5.01
CA GLY B 4 1.40 1.52 4.41
C GLY B 4 0.80 0.48 5.28
N THR B 5 0.48 0.86 6.52
CA THR B 5 -0.28 0.02 7.43
C THR B 5 -1.81 0.21 7.47
N PRO B 6 -2.49 1.31 7.12
CA PRO B 6 -3.95 1.35 7.27
C PRO B 6 -4.58 1.17 5.93
N ILE B 7 -3.79 1.04 4.89
CA ILE B 7 -4.14 0.56 3.58
C ILE B 7 -2.90 -0.23 3.24
N SER B 8 -3.07 -1.39 2.63
CA SER B 8 -1.93 -2.04 2.02
C SER B 8 -1.96 -1.90 0.48
N PHE B 9 -1.37 -0.81 -0.04
CA PHE B 9 -1.40 -0.48 -1.47
C PHE B 9 0.01 -0.46 -1.93
N TYR B 10 0.30 -0.64 -3.24
CA TYR B 10 1.69 -0.57 -3.69
C TYR B 10 2.23 0.85 -3.76
N CYS B 11 3.47 0.96 -3.27
CA CYS B 11 4.22 2.18 -3.12
C CYS B 11 4.41 2.99 -4.41
N GLY A 1 1.03 -4.42 0.02
CA GLY A 1 2.12 -4.88 0.87
C GLY A 1 3.05 -3.75 1.10
N GLY A 2 2.90 -3.06 2.25
CA GLY A 2 3.39 -1.71 2.44
C GLY A 2 2.19 -0.81 2.55
N ALA A 3 2.36 0.43 2.14
CA ALA A 3 1.33 1.45 2.25
C ALA A 3 1.47 2.46 1.08
N GLY A 4 0.34 2.90 0.52
CA GLY A 4 0.26 3.73 -0.67
C GLY A 4 -1.18 4.03 -0.92
N HIS A 5 -1.55 4.44 -2.16
CA HIS A 5 -2.92 4.84 -2.47
C HIS A 5 -3.72 3.84 -3.37
N VAL A 6 -3.12 2.68 -3.73
CA VAL A 6 -3.78 1.59 -4.43
C VAL A 6 -3.76 0.38 -3.52
N PRO A 7 -4.92 -0.27 -3.18
CA PRO A 7 -4.94 -1.47 -2.32
C PRO A 7 -4.27 -2.66 -2.99
N GLU A 8 -3.72 -3.57 -2.17
CA GLU A 8 -3.07 -4.76 -2.71
C GLU A 8 -4.07 -5.75 -3.26
N TYR A 9 -4.11 -5.91 -4.57
CA TYR A 9 -4.86 -6.93 -5.26
C TYR A 9 -3.99 -8.16 -5.37
N PHE A 10 -4.61 -9.29 -5.74
CA PHE A 10 -3.95 -10.56 -5.90
C PHE A 10 -4.18 -11.02 -7.37
N VAL B 1 11.52 3.86 0.73
CA VAL B 1 10.41 3.32 1.57
C VAL B 1 9.04 3.62 0.96
N CYS B 2 7.95 2.91 1.34
CA CYS B 2 6.61 3.23 0.91
C CYS B 2 5.76 3.64 2.08
N ILE B 3 4.98 4.72 1.90
CA ILE B 3 4.26 5.44 2.94
C ILE B 3 2.94 5.84 2.36
N GLY B 4 1.83 5.67 3.11
CA GLY B 4 0.54 6.09 2.65
C GLY B 4 -0.30 6.49 3.81
N THR B 5 -1.29 5.65 4.21
CA THR B 5 -2.11 5.81 5.40
C THR B 5 -2.97 4.60 5.58
N PRO B 6 -3.82 4.13 4.69
CA PRO B 6 -4.21 2.74 4.62
C PRO B 6 -3.07 1.75 4.50
N ILE B 7 -3.16 0.57 5.16
CA ILE B 7 -2.11 -0.37 5.36
C ILE B 7 -2.41 -1.66 4.63
N SER B 8 -1.37 -2.32 4.09
CA SER B 8 -1.52 -3.39 3.12
C SER B 8 -2.00 -2.87 1.81
N PHE B 9 -1.42 -1.75 1.36
CA PHE B 9 -1.67 -1.13 0.09
C PHE B 9 -0.38 -1.23 -0.75
N TYR B 10 -0.42 -1.10 -2.07
CA TYR B 10 0.74 -1.33 -2.88
C TYR B 10 1.96 -0.41 -2.65
N CYS B 11 3.14 -1.06 -2.80
CA CYS B 11 4.41 -0.44 -2.62
C CYS B 11 5.20 -0.81 -3.89
N GLY A 1 -0.35 -0.94 1.01
CA GLY A 1 0.16 -0.37 2.23
C GLY A 1 -0.37 1.00 2.41
N GLY A 2 0.49 2.02 2.18
CA GLY A 2 0.09 3.43 2.22
C GLY A 2 -0.65 3.93 0.99
N ALA A 3 -0.13 4.99 0.32
CA ALA A 3 -0.78 5.73 -0.73
C ALA A 3 -0.08 5.70 -2.09
N GLY A 4 -0.88 5.61 -3.17
CA GLY A 4 -0.34 5.41 -4.51
C GLY A 4 -1.48 5.29 -5.50
N HIS A 5 -1.43 4.26 -6.36
CA HIS A 5 -2.44 4.13 -7.40
C HIS A 5 -2.67 2.67 -7.78
N VAL A 6 -2.00 1.71 -7.13
CA VAL A 6 -2.22 0.32 -7.34
C VAL A 6 -2.61 -0.31 -6.00
N PRO A 7 -3.78 -0.92 -5.81
CA PRO A 7 -4.22 -1.40 -4.48
C PRO A 7 -3.47 -2.64 -4.01
N GLU A 8 -3.32 -2.84 -2.68
CA GLU A 8 -2.54 -3.93 -2.13
C GLU A 8 -3.20 -5.30 -2.15
N TYR A 9 -2.51 -6.30 -2.80
CA TYR A 9 -3.03 -7.67 -3.02
C TYR A 9 -2.38 -8.60 -2.02
N PHE A 10 -2.59 -8.30 -0.73
CA PHE A 10 -2.11 -9.05 0.41
C PHE A 10 -3.37 -9.57 1.19
N VAL B 1 10.60 -1.22 -0.12
CA VAL B 1 10.39 0.21 0.37
C VAL B 1 8.94 0.67 0.26
N CYS B 2 8.16 0.42 1.33
CA CYS B 2 6.78 0.95 1.44
C CYS B 2 6.51 0.98 2.91
N ILE B 3 5.56 1.83 3.41
CA ILE B 3 5.18 1.92 4.81
C ILE B 3 3.84 1.26 4.87
N GLY B 4 3.72 0.23 5.73
CA GLY B 4 2.67 -0.80 5.64
C GLY B 4 1.75 -0.88 6.84
N THR B 5 1.59 0.21 7.60
CA THR B 5 0.53 0.33 8.58
C THR B 5 -0.92 0.23 8.11
N PRO B 6 -1.43 0.90 7.07
CA PRO B 6 -2.70 0.57 6.45
C PRO B 6 -2.47 -0.56 5.41
N ILE B 7 -3.51 -1.05 4.72
CA ILE B 7 -3.40 -2.07 3.69
C ILE B 7 -4.11 -1.57 2.46
N SER B 8 -3.84 -0.29 2.08
CA SER B 8 -4.54 0.35 0.98
C SER B 8 -3.81 0.22 -0.35
N PHE B 9 -2.88 1.15 -0.69
CA PHE B 9 -2.19 1.18 -1.99
C PHE B 9 -0.70 0.87 -1.91
N TYR B 10 -0.13 0.21 -2.93
CA TYR B 10 1.29 0.07 -3.10
C TYR B 10 2.01 1.42 -3.22
N CYS B 11 3.27 1.53 -2.69
CA CYS B 11 4.05 2.77 -2.70
C CYS B 11 4.86 2.85 -4.02
N GLY A 1 0.74 0.53 1.76
CA GLY A 1 1.19 1.32 2.91
C GLY A 1 1.46 2.82 2.60
N GLY A 2 1.32 3.27 1.35
CA GLY A 2 1.54 4.65 0.93
C GLY A 2 0.38 5.11 0.06
N ALA A 3 0.59 6.00 -0.93
CA ALA A 3 -0.48 6.48 -1.80
C ALA A 3 -0.07 6.20 -3.24
N GLY A 4 -1.02 5.88 -4.12
CA GLY A 4 -0.71 5.47 -5.46
C GLY A 4 -1.90 5.08 -6.26
N HIS A 5 -1.87 3.86 -6.80
CA HIS A 5 -2.88 3.41 -7.74
C HIS A 5 -3.33 1.96 -7.56
N VAL A 6 -2.61 1.11 -6.82
CA VAL A 6 -2.97 -0.28 -6.58
C VAL A 6 -2.99 -0.47 -5.08
N PRO A 7 -3.96 -1.07 -4.45
CA PRO A 7 -3.97 -1.24 -2.99
C PRO A 7 -2.93 -2.21 -2.53
N GLU A 8 -2.47 -2.09 -1.27
CA GLU A 8 -1.61 -3.07 -0.59
C GLU A 8 -2.33 -4.41 -0.38
N TYR A 9 -1.55 -5.49 -0.41
CA TYR A 9 -2.09 -6.81 -0.18
C TYR A 9 -1.05 -7.52 0.64
N PHE A 10 -1.52 -8.50 1.43
CA PHE A 10 -0.71 -9.27 2.33
C PHE A 10 -0.54 -10.74 1.83
N VAL B 1 8.83 -1.53 -1.02
CA VAL B 1 8.98 -0.28 -0.22
C VAL B 1 7.86 -0.23 0.81
N CYS B 2 6.79 0.58 0.63
CA CYS B 2 5.67 0.68 1.55
C CYS B 2 4.83 -0.59 1.66
N ILE B 3 4.57 -1.01 2.92
CA ILE B 3 3.80 -2.21 3.28
C ILE B 3 3.31 -1.98 4.72
N GLY B 4 2.48 -2.90 5.27
CA GLY B 4 2.17 -2.90 6.68
C GLY B 4 1.12 -1.94 7.16
N THR B 5 0.49 -1.22 6.23
CA THR B 5 -0.72 -0.45 6.52
C THR B 5 -1.74 -0.72 5.44
N PRO B 6 -2.49 -1.82 5.48
CA PRO B 6 -2.86 -2.49 4.22
C PRO B 6 -4.20 -2.02 3.69
N ILE B 7 -4.79 -0.95 4.24
CA ILE B 7 -5.98 -0.30 3.73
C ILE B 7 -5.55 0.95 2.92
N SER B 8 -4.26 0.98 2.50
CA SER B 8 -3.60 2.06 1.75
C SER B 8 -2.89 1.44 0.54
N PHE B 9 -2.25 2.25 -0.35
CA PHE B 9 -1.81 1.78 -1.65
C PHE B 9 -0.35 1.42 -1.67
N TYR B 10 0.06 0.70 -2.75
CA TYR B 10 1.44 0.70 -3.26
C TYR B 10 1.90 2.10 -3.69
N CYS B 11 3.23 2.31 -3.63
CA CYS B 11 3.91 3.56 -3.89
C CYS B 11 4.96 3.38 -5.04
N GLY A 1 0.62 0.52 1.17
CA GLY A 1 1.36 1.18 2.24
C GLY A 1 1.35 2.69 2.20
N GLY A 2 0.38 3.29 1.52
CA GLY A 2 0.29 4.75 1.46
C GLY A 2 -0.84 5.07 0.52
N ALA A 3 -0.55 5.81 -0.57
CA ALA A 3 -1.51 6.21 -1.58
C ALA A 3 -0.82 6.20 -2.92
N GLY A 4 -1.53 5.74 -3.98
CA GLY A 4 -0.89 5.56 -5.28
C GLY A 4 -1.76 4.78 -6.24
N HIS A 5 -1.13 3.95 -7.11
CA HIS A 5 -1.85 3.25 -8.18
C HIS A 5 -2.45 1.87 -7.86
N VAL A 6 -1.69 1.02 -7.17
CA VAL A 6 -2.00 -0.40 -6.98
C VAL A 6 -2.39 -0.66 -5.53
N PRO A 7 -3.46 -1.38 -5.17
CA PRO A 7 -3.74 -1.74 -3.79
C PRO A 7 -2.71 -2.59 -3.09
N GLU A 8 -2.53 -2.48 -1.76
CA GLU A 8 -1.53 -3.27 -1.10
C GLU A 8 -1.94 -4.72 -0.75
N TYR A 9 -0.98 -5.57 -0.39
CA TYR A 9 -1.18 -7.02 -0.34
C TYR A 9 -2.13 -7.55 0.73
N PHE A 10 -2.67 -8.75 0.51
CA PHE A 10 -3.65 -9.42 1.37
C PHE A 10 -3.03 -9.87 2.69
N VAL B 1 11.72 0.40 -0.09
CA VAL B 1 10.61 -0.56 0.26
C VAL B 1 9.29 0.11 0.58
N CYS B 2 8.23 -0.65 0.97
CA CYS B 2 6.88 -0.13 1.29
C CYS B 2 6.41 -1.11 2.33
N ILE B 3 5.84 -0.63 3.45
CA ILE B 3 5.64 -1.47 4.63
C ILE B 3 4.33 -1.06 5.24
N GLY B 4 3.54 -2.03 5.74
CA GLY B 4 2.34 -1.76 6.56
C GLY B 4 1.23 -1.08 5.81
N THR B 5 0.24 -0.54 6.54
CA THR B 5 -0.93 0.19 6.00
C THR B 5 -1.67 -0.58 4.93
N PRO B 6 -2.04 -1.86 5.19
CA PRO B 6 -2.19 -2.87 4.14
C PRO B 6 -3.50 -2.74 3.42
N ILE B 7 -4.43 -1.94 3.95
CA ILE B 7 -5.76 -1.73 3.42
C ILE B 7 -5.81 -0.49 2.56
N SER B 8 -4.69 0.15 2.26
CA SER B 8 -4.61 1.30 1.34
C SER B 8 -3.83 0.93 0.07
N PHE B 9 -3.28 1.91 -0.70
CA PHE B 9 -2.60 1.71 -1.97
C PHE B 9 -1.08 1.77 -1.86
N TYR B 10 -0.32 1.23 -2.83
CA TYR B 10 1.14 1.13 -2.83
C TYR B 10 1.87 2.46 -2.81
N CYS B 11 3.07 2.48 -2.22
CA CYS B 11 4.02 3.58 -2.15
C CYS B 11 4.65 3.91 -3.53
N GLY A 1 1.09 -0.72 1.00
CA GLY A 1 2.08 -0.35 2.00
C GLY A 1 2.71 0.98 1.73
N GLY A 2 1.85 1.93 1.34
CA GLY A 2 2.22 3.33 1.13
C GLY A 2 1.01 4.14 0.68
N ALA A 3 1.15 4.70 -0.50
CA ALA A 3 0.17 5.51 -1.15
C ALA A 3 0.34 5.35 -2.63
N GLY A 4 -0.79 5.48 -3.40
CA GLY A 4 -0.87 5.02 -4.79
C GLY A 4 -2.29 4.70 -5.04
N HIS A 5 -2.59 3.83 -6.04
CA HIS A 5 -3.98 3.70 -6.51
C HIS A 5 -4.35 2.24 -6.81
N VAL A 6 -3.48 1.24 -6.51
CA VAL A 6 -3.84 -0.16 -6.61
C VAL A 6 -3.81 -0.69 -5.19
N PRO A 7 -4.81 -1.36 -4.57
CA PRO A 7 -4.75 -1.76 -3.18
C PRO A 7 -3.65 -2.77 -2.95
N GLU A 8 -2.99 -2.70 -1.76
CA GLU A 8 -2.05 -3.72 -1.34
C GLU A 8 -2.63 -5.12 -1.20
N TYR A 9 -1.82 -6.16 -1.48
CA TYR A 9 -2.29 -7.53 -1.73
C TYR A 9 -3.36 -8.10 -0.80
N PHE A 10 -4.45 -8.56 -1.45
CA PHE A 10 -5.58 -9.18 -0.80
C PHE A 10 -5.73 -10.56 -1.48
N VAL B 1 11.20 -0.50 3.83
CA VAL B 1 11.53 0.62 2.90
C VAL B 1 10.46 1.68 2.68
N CYS B 2 9.17 1.30 2.51
CA CYS B 2 8.05 2.19 2.35
C CYS B 2 7.08 1.93 3.49
N ILE B 3 6.40 3.00 4.02
CA ILE B 3 5.60 2.92 5.24
C ILE B 3 4.16 3.25 4.89
N GLY B 4 3.20 2.38 5.28
CA GLY B 4 1.79 2.54 5.03
C GLY B 4 1.15 1.48 5.84
N THR B 5 0.03 0.92 5.37
CA THR B 5 -0.67 -0.18 6.03
C THR B 5 -0.98 -1.28 5.04
N PRO B 6 -1.25 -2.55 5.44
CA PRO B 6 -1.47 -3.64 4.47
C PRO B 6 -2.78 -3.51 3.68
N ILE B 7 -3.61 -2.55 4.11
CA ILE B 7 -4.93 -2.32 3.56
C ILE B 7 -4.99 -0.96 2.85
N SER B 8 -3.85 -0.28 2.77
CA SER B 8 -3.72 0.85 1.84
C SER B 8 -3.28 0.42 0.45
N PHE B 9 -2.43 1.21 -0.21
CA PHE B 9 -2.19 1.17 -1.65
C PHE B 9 -0.70 0.94 -1.91
N TYR B 10 -0.40 0.40 -3.09
CA TYR B 10 0.95 0.08 -3.53
C TYR B 10 1.85 1.31 -3.66
N CYS B 11 3.09 1.20 -3.15
CA CYS B 11 4.06 2.28 -3.04
C CYS B 11 5.06 2.15 -4.22
N GLY A 1 0.82 0.35 0.72
CA GLY A 1 1.36 1.12 1.82
C GLY A 1 1.67 2.58 1.48
N GLY A 2 1.03 3.14 0.43
CA GLY A 2 1.14 4.57 0.11
C GLY A 2 -0.08 5.04 -0.66
N ALA A 3 0.10 5.90 -1.70
CA ALA A 3 -0.94 6.42 -2.54
C ALA A 3 -0.59 6.20 -4.02
N GLY A 4 -1.52 5.58 -4.76
CA GLY A 4 -1.20 5.12 -6.09
C GLY A 4 -2.42 4.55 -6.73
N HIS A 5 -2.29 3.88 -7.91
CA HIS A 5 -3.41 3.42 -8.71
C HIS A 5 -3.71 1.96 -8.54
N VAL A 6 -3.04 1.21 -7.65
CA VAL A 6 -3.32 -0.20 -7.45
C VAL A 6 -3.46 -0.43 -5.94
N PRO A 7 -4.38 -1.15 -5.35
CA PRO A 7 -4.32 -1.54 -3.96
C PRO A 7 -3.09 -2.33 -3.51
N GLU A 8 -2.74 -2.32 -2.20
CA GLU A 8 -1.73 -3.18 -1.60
C GLU A 8 -2.31 -4.56 -1.45
N TYR A 9 -1.43 -5.60 -1.26
CA TYR A 9 -1.79 -7.00 -1.10
C TYR A 9 -2.52 -7.28 0.23
N PHE A 10 -3.34 -8.35 0.21
CA PHE A 10 -4.22 -8.76 1.30
C PHE A 10 -3.51 -9.63 2.39
N VAL B 1 10.83 0.98 3.58
CA VAL B 1 9.70 1.98 3.53
C VAL B 1 8.33 1.27 3.54
N CYS B 2 7.90 0.58 2.44
CA CYS B 2 6.55 0.16 2.16
C CYS B 2 6.12 -1.16 2.82
N ILE B 3 6.24 -1.21 4.18
CA ILE B 3 5.85 -2.34 5.00
C ILE B 3 5.22 -1.72 6.24
N GLY B 4 4.27 -2.44 6.85
CA GLY B 4 3.65 -2.05 8.10
C GLY B 4 2.36 -1.33 7.96
N THR B 5 1.95 -0.91 6.74
CA THR B 5 0.62 -0.39 6.42
C THR B 5 -0.01 -1.41 5.49
N PRO B 6 -1.20 -1.97 5.76
CA PRO B 6 -1.70 -3.04 4.89
C PRO B 6 -3.04 -2.71 4.22
N ILE B 7 -3.57 -1.47 4.36
CA ILE B 7 -4.96 -1.17 3.92
C ILE B 7 -4.93 -0.16 2.73
N SER B 8 -3.75 0.30 2.31
CA SER B 8 -3.62 1.45 1.43
C SER B 8 -3.41 1.08 -0.04
N PHE B 9 -2.94 2.00 -0.87
CA PHE B 9 -2.61 1.77 -2.27
C PHE B 9 -1.12 1.57 -2.42
N TYR B 10 -0.69 0.92 -3.53
CA TYR B 10 0.72 0.67 -3.76
C TYR B 10 1.57 1.94 -3.91
N CYS B 11 2.72 1.88 -3.26
CA CYS B 11 3.61 3.00 -2.93
C CYS B 11 4.33 3.58 -4.16
N GLY A 1 0.63 -1.83 0.95
CA GLY A 1 1.53 -1.60 2.07
C GLY A 1 1.90 -0.17 2.31
N GLY A 2 1.99 0.67 1.22
CA GLY A 2 2.34 2.07 1.32
C GLY A 2 1.31 2.90 0.65
N ALA A 3 1.70 4.08 0.17
CA ALA A 3 0.76 5.00 -0.45
C ALA A 3 1.04 5.10 -1.92
N GLY A 4 0.03 5.04 -2.79
CA GLY A 4 0.17 5.02 -4.23
C GLY A 4 -1.18 5.02 -4.88
N HIS A 5 -1.37 4.19 -5.94
CA HIS A 5 -2.54 4.23 -6.81
C HIS A 5 -3.20 2.90 -7.01
N VAL A 6 -2.42 1.80 -6.91
CA VAL A 6 -2.94 0.42 -7.11
C VAL A 6 -3.07 -0.25 -5.73
N PRO A 7 -4.19 -0.92 -5.38
CA PRO A 7 -4.30 -1.51 -4.04
C PRO A 7 -3.45 -2.76 -3.85
N GLU A 8 -2.93 -2.97 -2.63
CA GLU A 8 -2.30 -4.19 -2.19
C GLU A 8 -3.22 -5.42 -2.20
N TYR A 9 -2.64 -6.63 -2.18
CA TYR A 9 -3.45 -7.87 -2.10
C TYR A 9 -4.34 -8.01 -0.85
N PHE A 10 -5.61 -8.41 -1.07
CA PHE A 10 -6.57 -8.82 -0.07
C PHE A 10 -7.61 -9.68 -0.80
N VAL B 1 9.74 6.06 2.61
CA VAL B 1 9.20 4.72 2.98
C VAL B 1 7.92 4.38 2.27
N CYS B 2 7.69 3.07 2.02
CA CYS B 2 6.47 2.56 1.45
C CYS B 2 5.89 1.43 2.36
N ILE B 3 6.21 1.47 3.67
CA ILE B 3 5.51 0.65 4.68
C ILE B 3 4.77 1.62 5.54
N GLY B 4 3.45 1.59 5.40
CA GLY B 4 2.56 2.49 6.09
C GLY B 4 1.56 1.80 6.94
N THR B 5 0.69 1.04 6.29
CA THR B 5 -0.40 0.33 6.93
C THR B 5 -0.63 -0.93 6.13
N PRO B 6 -1.07 -2.07 6.62
CA PRO B 6 -0.90 -3.33 5.92
C PRO B 6 -1.93 -3.52 4.86
N ILE B 7 -3.11 -2.86 4.95
CA ILE B 7 -4.07 -2.79 3.84
C ILE B 7 -4.02 -1.34 3.42
N SER B 8 -3.70 -1.11 2.12
CA SER B 8 -3.27 0.18 1.59
C SER B 8 -2.87 -0.04 0.14
N PHE B 9 -1.85 0.67 -0.39
CA PHE B 9 -1.56 0.74 -1.80
C PHE B 9 -0.14 0.20 -2.05
N TYR B 10 0.15 -0.25 -3.27
CA TYR B 10 1.49 -0.46 -3.74
C TYR B 10 2.31 0.82 -3.87
N CYS B 11 3.65 0.72 -3.82
CA CYS B 11 4.54 1.88 -3.99
C CYS B 11 4.53 2.29 -5.49
N GLY A 1 0.45 -0.70 0.68
CA GLY A 1 1.50 -0.33 1.62
C GLY A 1 1.82 1.14 1.71
N GLY A 2 1.30 2.00 0.81
CA GLY A 2 1.54 3.44 0.83
C GLY A 2 0.49 4.11 -0.01
N ALA A 3 0.86 4.86 -1.09
CA ALA A 3 -0.08 5.57 -1.93
C ALA A 3 0.34 5.49 -3.38
N GLY A 4 -0.63 5.17 -4.25
CA GLY A 4 -0.36 4.96 -5.67
C GLY A 4 -1.64 4.66 -6.34
N HIS A 5 -1.56 3.81 -7.39
CA HIS A 5 -2.64 3.62 -8.37
C HIS A 5 -3.32 2.24 -8.30
N VAL A 6 -2.88 1.29 -7.46
CA VAL A 6 -3.53 -0.01 -7.29
C VAL A 6 -3.76 -0.34 -5.82
N PRO A 7 -4.90 -0.80 -5.26
CA PRO A 7 -4.99 -1.07 -3.84
C PRO A 7 -4.16 -2.27 -3.40
N GLU A 8 -3.62 -2.28 -2.15
CA GLU A 8 -2.95 -3.46 -1.60
C GLU A 8 -3.97 -4.59 -1.28
N TYR A 9 -3.56 -5.86 -1.50
CA TYR A 9 -4.35 -7.01 -1.24
C TYR A 9 -3.76 -7.80 -0.06
N PHE A 10 -2.89 -8.75 -0.37
CA PHE A 10 -2.25 -9.63 0.59
C PHE A 10 -1.12 -10.32 -0.22
N VAL B 1 7.21 4.32 5.06
CA VAL B 1 7.04 3.99 3.59
C VAL B 1 6.65 2.49 3.45
N CYS B 2 7.24 1.71 2.54
CA CYS B 2 6.58 0.52 2.01
C CYS B 2 6.83 -0.79 2.74
N ILE B 3 7.16 -0.69 4.05
CA ILE B 3 7.43 -1.85 4.87
C ILE B 3 6.29 -2.22 5.84
N GLY B 4 5.11 -1.57 5.67
CA GLY B 4 3.97 -1.87 6.56
C GLY B 4 2.71 -1.24 6.04
N THR B 5 2.01 -0.50 6.94
CA THR B 5 0.83 0.31 6.60
C THR B 5 -0.22 -0.37 5.71
N PRO B 6 -0.95 -1.41 6.17
CA PRO B 6 -2.22 -1.87 5.56
C PRO B 6 -3.29 -0.76 5.55
N ILE B 7 -4.39 -1.00 4.83
CA ILE B 7 -5.49 -0.08 4.53
C ILE B 7 -4.99 1.04 3.60
N SER B 8 -4.35 0.65 2.49
CA SER B 8 -3.48 1.52 1.71
C SER B 8 -3.36 1.04 0.28
N PHE B 9 -2.79 1.86 -0.62
CA PHE B 9 -2.58 1.49 -2.02
C PHE B 9 -1.11 1.10 -2.19
N TYR B 10 -0.76 0.42 -3.32
CA TYR B 10 0.63 0.08 -3.63
C TYR B 10 1.57 1.28 -3.83
N CYS B 11 2.86 1.09 -3.54
CA CYS B 11 3.84 2.16 -3.41
C CYS B 11 4.46 2.52 -4.79
N GLY A 1 1.17 -1.25 1.12
CA GLY A 1 2.08 -0.77 2.13
C GLY A 1 2.72 0.39 1.47
N GLY A 2 2.18 1.61 1.67
CA GLY A 2 2.44 2.72 0.78
C GLY A 2 1.15 3.38 0.33
N ALA A 3 1.25 4.58 -0.24
CA ALA A 3 0.14 5.35 -0.74
C ALA A 3 0.26 5.59 -2.22
N GLY A 4 -0.75 5.10 -2.99
CA GLY A 4 -0.77 5.10 -4.43
C GLY A 4 -2.16 4.81 -4.84
N HIS A 5 -2.33 3.83 -5.72
CA HIS A 5 -3.63 3.56 -6.31
C HIS A 5 -3.80 2.13 -6.79
N VAL A 6 -2.81 1.26 -6.51
CA VAL A 6 -2.90 -0.16 -6.80
C VAL A 6 -2.79 -0.94 -5.49
N PRO A 7 -3.75 -1.77 -5.06
CA PRO A 7 -3.69 -2.48 -3.78
C PRO A 7 -2.46 -3.37 -3.58
N GLU A 8 -1.93 -3.48 -2.36
CA GLU A 8 -0.84 -4.40 -2.10
C GLU A 8 -1.27 -5.85 -2.22
N TYR A 9 -2.38 -6.12 -1.54
CA TYR A 9 -3.16 -7.34 -1.48
C TYR A 9 -4.51 -6.91 -0.92
N PHE A 10 -5.45 -7.84 -0.87
CA PHE A 10 -6.72 -7.63 -0.25
C PHE A 10 -6.66 -7.73 1.30
N VAL B 1 11.40 0.74 2.04
CA VAL B 1 10.05 0.51 2.65
C VAL B 1 9.06 1.62 2.38
N CYS B 2 7.77 1.29 2.31
CA CYS B 2 6.75 2.32 2.12
C CYS B 2 5.70 2.18 3.23
N ILE B 3 5.44 3.25 3.98
CA ILE B 3 4.66 3.13 5.21
C ILE B 3 3.16 3.09 4.97
N GLY B 4 2.45 2.26 5.73
CA GLY B 4 1.03 2.05 5.58
C GLY B 4 0.72 0.65 6.03
N THR B 5 -0.40 0.46 6.76
CA THR B 5 -0.87 -0.85 7.18
C THR B 5 -1.18 -1.78 6.01
N PRO B 6 -1.16 -3.12 6.13
CA PRO B 6 -1.26 -4.06 5.01
C PRO B 6 -2.31 -3.77 3.97
N ILE B 7 -3.56 -3.40 4.40
CA ILE B 7 -4.61 -2.92 3.47
C ILE B 7 -4.33 -1.49 3.02
N SER B 8 -3.23 -1.31 2.26
CA SER B 8 -2.89 -0.03 1.61
C SER B 8 -2.42 -0.30 0.20
N PHE B 9 -1.55 0.53 -0.41
CA PHE B 9 -1.36 0.48 -1.85
C PHE B 9 0.11 0.31 -2.11
N TYR B 10 0.52 -0.15 -3.32
CA TYR B 10 1.88 0.11 -3.77
C TYR B 10 2.14 1.61 -3.92
N CYS B 11 3.37 2.07 -3.57
CA CYS B 11 3.72 3.45 -3.57
C CYS B 11 4.14 4.00 -4.95
#